data_4AG0
#
_entry.id   4AG0
#
_cell.length_a   64.530
_cell.length_b   87.660
_cell.length_c   108.240
_cell.angle_alpha   90.00
_cell.angle_beta   90.00
_cell.angle_gamma   90.00
#
_symmetry.space_group_name_H-M   'P 21 21 21'
#
loop_
_entity.id
_entity.type
_entity.pdbx_description
1 polymer FIMX
2 non-polymer 'PHOSPHATE ION'
3 non-polymer 'ACETATE ION'
4 water water
#
_entity_poly.entity_id   1
_entity_poly.type   'polypeptide(L)'
_entity_poly.pdbx_seq_one_letter_code
;MGSSHHHHHHSSGLVPRGSHMQRGDVIAILQQALETNSFRLLFQPVISLRGDSHENYEVLLRLLNPQGQEVPPAEFLHAA
KEAGLAEKIDRWVILNSIKLLAEHRAKGHQTKLFVHLSSASLQDPGLLPWLGVALKAARLPPESLVFQISEADATSYLKQ
AKQLTQGLATLHCQAAISQFGCSLNPFNALKHLTVQFIKIDGSFVQDLNQVENQEILKGLIAELHEQQKLSIVPFVESAS
VLATLWQAGATYIQGYYLQGPSQAMDYDFSSGDE
;
_entity_poly.pdbx_strand_id   A,B
#
# COMPACT_ATOMS: atom_id res chain seq x y z
N GLN A 22 -15.53 -1.67 14.39
CA GLN A 22 -14.97 -0.44 14.94
C GLN A 22 -15.37 0.75 14.08
N ARG A 23 -15.21 1.95 14.61
CA ARG A 23 -15.51 3.18 13.89
C ARG A 23 -14.71 4.32 14.54
N GLY A 24 -14.40 5.39 13.80
CA GLY A 24 -13.73 6.54 14.39
C GLY A 24 -13.28 7.62 13.42
N ASP A 25 -13.20 8.86 13.87
CA ASP A 25 -12.61 9.93 13.05
C ASP A 25 -11.08 9.84 13.13
N VAL A 26 -10.48 9.36 12.04
CA VAL A 26 -9.09 8.99 12.06
C VAL A 26 -8.26 10.25 12.09
N ILE A 27 -8.77 11.34 11.51
CA ILE A 27 -7.97 12.55 11.53
C ILE A 27 -7.89 13.09 12.96
N ALA A 28 -8.98 12.90 13.70
CA ALA A 28 -9.07 13.30 15.08
C ALA A 28 -8.07 12.50 15.91
N ILE A 29 -8.17 11.17 15.79
CA ILE A 29 -7.30 10.26 16.51
C ILE A 29 -5.84 10.63 16.31
N LEU A 30 -5.41 10.90 15.08
CA LEU A 30 -4.01 11.17 14.88
C LEU A 30 -3.56 12.40 15.62
N GLN A 31 -4.46 13.39 15.71
CA GLN A 31 -4.07 14.69 16.20
C GLN A 31 -3.99 14.63 17.70
N GLN A 32 -4.80 13.76 18.30
CA GLN A 32 -4.65 13.44 19.72
C GLN A 32 -3.44 12.54 19.99
N ALA A 33 -3.10 11.65 19.05
CA ALA A 33 -1.93 10.78 19.22
C ALA A 33 -0.65 11.60 19.26
N LEU A 34 -0.60 12.69 18.50
CA LEU A 34 0.53 13.62 18.51
C LEU A 34 0.58 14.30 19.87
N GLU A 35 -0.63 14.46 20.45
CA GLU A 35 -0.79 15.01 21.78
C GLU A 35 -0.22 14.08 22.86
N THR A 36 -0.60 12.81 22.78
CA THR A 36 -0.27 11.85 23.80
C THR A 36 0.98 11.01 23.48
N ASN A 37 1.75 11.44 22.47
CA ASN A 37 2.81 10.61 21.88
C ASN A 37 2.46 9.11 21.79
N SER A 38 1.23 8.81 21.34
CA SER A 38 0.79 7.43 21.09
C SER A 38 1.17 6.91 19.69
N PHE A 39 2.43 7.08 19.34
CA PHE A 39 3.04 6.45 18.19
C PHE A 39 4.10 5.46 18.66
N ARG A 40 4.57 4.62 17.76
CA ARG A 40 5.64 3.71 18.07
C ARG A 40 6.43 3.55 16.80
N LEU A 41 7.76 3.65 16.92
CA LEU A 41 8.63 3.44 15.77
C LEU A 41 9.07 1.98 15.63
N LEU A 42 8.94 1.40 14.43
CA LEU A 42 9.57 0.10 14.24
C LEU A 42 10.79 0.26 13.38
N PHE A 43 11.69 -0.72 13.43
CA PHE A 43 12.95 -0.63 12.73
C PHE A 43 13.13 -1.89 11.90
N GLN A 44 13.40 -1.72 10.60
CA GLN A 44 13.58 -2.87 9.74
C GLN A 44 14.91 -2.78 9.06
N PRO A 45 15.77 -3.75 9.32
CA PRO A 45 17.10 -3.72 8.77
C PRO A 45 17.12 -3.68 7.24
N VAL A 46 18.13 -2.94 6.77
CA VAL A 46 18.50 -2.90 5.40
C VAL A 46 19.87 -3.54 5.34
N ILE A 47 19.93 -4.74 4.74
CA ILE A 47 21.13 -5.53 4.70
C ILE A 47 22.06 -5.21 3.54
N SER A 48 23.34 -5.05 3.88
CA SER A 48 24.35 -4.87 2.87
C SER A 48 24.77 -6.21 2.24
N LEU A 49 24.95 -6.22 0.93
CA LEU A 49 25.46 -7.40 0.22
C LEU A 49 26.89 -7.13 -0.19
N ARG A 50 27.23 -5.87 -0.36
CA ARG A 50 28.59 -5.52 -0.74
C ARG A 50 29.54 -5.26 0.42
N GLY A 51 29.17 -5.69 1.62
CA GLY A 51 29.97 -5.45 2.80
C GLY A 51 30.08 -3.98 3.19
N ASP A 52 28.92 -3.34 3.48
CA ASP A 52 28.92 -2.09 4.27
C ASP A 52 28.76 -2.50 5.74
N SER A 53 29.71 -2.03 6.55
CA SER A 53 29.78 -2.40 7.96
C SER A 53 28.66 -1.74 8.80
N HIS A 54 28.31 -0.48 8.48
CA HIS A 54 27.21 0.21 9.14
C HIS A 54 26.06 -0.75 9.40
N GLU A 55 25.30 -0.43 10.43
CA GLU A 55 24.00 -0.98 10.58
C GLU A 55 23.15 0.00 9.78
N ASN A 56 22.13 -0.49 9.09
CA ASN A 56 21.17 0.39 8.45
C ASN A 56 19.84 -0.15 8.79
N TYR A 57 18.94 0.71 9.24
CA TYR A 57 17.59 0.30 9.46
C TYR A 57 16.66 1.33 8.75
N GLU A 58 15.46 0.89 8.36
CA GLU A 58 14.41 1.77 7.95
C GLU A 58 13.45 2.01 9.10
N VAL A 59 12.97 3.25 9.21
CA VAL A 59 12.03 3.59 10.25
C VAL A 59 10.61 3.49 9.76
N LEU A 60 9.80 2.76 10.51
CA LEU A 60 8.37 2.56 10.21
C LEU A 60 7.43 3.04 11.34
N LEU A 61 6.37 3.73 10.97
CA LEU A 61 5.42 4.32 11.90
C LEU A 61 4.24 3.43 12.26
N ARG A 62 4.00 3.25 13.55
CA ARG A 62 2.80 2.59 14.00
C ARG A 62 2.02 3.48 14.94
N LEU A 63 0.71 3.39 14.82
CA LEU A 63 -0.20 4.08 15.71
C LEU A 63 -0.56 3.18 16.87
N LEU A 64 -0.35 3.66 18.09
CA LEU A 64 -0.90 3.02 19.27
C LEU A 64 -2.39 3.38 19.33
N ASN A 65 -3.23 2.36 19.12
CA ASN A 65 -4.68 2.55 19.06
C ASN A 65 -5.34 2.81 20.41
N PRO A 66 -5.95 3.99 20.56
CA PRO A 66 -6.68 4.24 21.81
C PRO A 66 -7.51 3.01 22.16
N GLN A 67 -7.50 2.58 23.41
CA GLN A 67 -7.95 1.23 23.78
C GLN A 67 -9.21 0.74 23.03
N GLY A 68 -9.12 -0.51 22.57
CA GLY A 68 -10.22 -1.15 21.88
C GLY A 68 -10.15 -0.95 20.37
N GLN A 69 -9.76 0.25 19.95
CA GLN A 69 -9.69 0.60 18.54
C GLN A 69 -8.67 -0.23 17.79
N GLU A 70 -8.88 -0.30 16.49
CA GLU A 70 -7.91 -0.88 15.59
C GLU A 70 -8.05 -0.05 14.35
N VAL A 71 -7.15 0.90 14.13
CA VAL A 71 -7.22 1.69 12.93
C VAL A 71 -6.46 1.03 11.80
N PRO A 72 -7.17 0.65 10.72
CA PRO A 72 -6.45 -0.07 9.68
C PRO A 72 -5.26 0.74 9.23
N PRO A 73 -4.12 0.08 9.12
CA PRO A 73 -2.85 0.69 8.72
C PRO A 73 -3.00 1.59 7.53
N ALA A 74 -3.74 1.11 6.55
CA ALA A 74 -3.78 1.76 5.24
C ALA A 74 -4.59 3.06 5.34
N GLU A 75 -5.57 3.05 6.22
CA GLU A 75 -6.37 4.25 6.43
C GLU A 75 -5.55 5.23 7.28
N PHE A 76 -4.88 4.65 8.28
CA PHE A 76 -3.95 5.42 9.11
C PHE A 76 -3.00 6.19 8.18
N LEU A 77 -2.31 5.47 7.32
CA LEU A 77 -1.30 6.07 6.45
C LEU A 77 -1.89 7.09 5.52
N HIS A 78 -3.06 6.78 4.98
CA HIS A 78 -3.71 7.73 4.11
C HIS A 78 -3.99 9.07 4.83
N ALA A 79 -4.52 8.99 6.05
CA ALA A 79 -4.82 10.22 6.80
C ALA A 79 -3.54 10.90 7.27
N ALA A 80 -2.52 10.11 7.58
CA ALA A 80 -1.22 10.66 7.98
C ALA A 80 -0.63 11.52 6.88
N LYS A 81 -1.23 11.46 5.68
CA LYS A 81 -0.80 12.29 4.54
C LYS A 81 -1.48 13.67 4.43
N GLU A 82 -2.65 13.79 5.05
CA GLU A 82 -3.36 15.05 4.98
C GLU A 82 -2.42 16.23 5.38
N ALA A 83 -2.33 17.23 4.50
CA ALA A 83 -1.53 18.41 4.75
C ALA A 83 -1.77 19.00 6.13
N GLY A 84 -0.69 19.51 6.73
CA GLY A 84 -0.73 20.08 8.07
C GLY A 84 -0.44 19.02 9.12
N LEU A 85 -1.23 17.96 9.10
CA LEU A 85 -1.01 16.80 9.92
C LEU A 85 0.32 16.07 9.57
N ALA A 86 0.55 15.90 8.29
CA ALA A 86 1.67 15.15 7.76
C ALA A 86 3.05 15.69 8.24
N GLU A 87 3.21 17.00 8.17
CA GLU A 87 4.44 17.65 8.62
C GLU A 87 4.73 17.40 10.11
N LYS A 88 3.70 17.46 10.95
CA LYS A 88 3.87 17.27 12.36
C LYS A 88 4.22 15.82 12.63
N ILE A 89 3.46 14.92 12.02
CA ILE A 89 3.80 13.51 12.11
C ILE A 89 5.23 13.26 11.64
N ASP A 90 5.66 13.92 10.57
CA ASP A 90 7.01 13.67 10.11
C ASP A 90 8.00 14.15 11.18
N ARG A 91 7.69 15.29 11.79
CA ARG A 91 8.52 15.83 12.88
C ARG A 91 8.53 14.95 14.12
N TRP A 92 7.38 14.46 14.53
CA TRP A 92 7.37 13.46 15.55
C TRP A 92 8.36 12.33 15.21
N VAL A 93 8.21 11.77 14.03
CA VAL A 93 9.05 10.65 13.63
C VAL A 93 10.53 10.99 13.66
N ILE A 94 10.86 12.16 13.15
CA ILE A 94 12.25 12.53 12.98
C ILE A 94 12.93 12.77 14.36
N LEU A 95 12.19 13.37 15.29
CA LEU A 95 12.75 13.76 16.56
C LEU A 95 12.92 12.49 17.33
N ASN A 96 11.99 11.55 17.16
CA ASN A 96 12.09 10.33 17.95
C ASN A 96 13.15 9.42 17.37
N SER A 97 13.33 9.53 16.06
CA SER A 97 14.37 8.77 15.39
C SER A 97 15.71 9.28 15.85
N ILE A 98 15.82 10.60 15.95
CA ILE A 98 17.06 11.24 16.41
C ILE A 98 17.44 10.88 17.87
N LYS A 99 16.47 10.86 18.77
CA LYS A 99 16.73 10.47 20.16
C LYS A 99 17.15 9.00 20.27
N LEU A 100 16.36 8.08 19.70
CA LEU A 100 16.73 6.67 19.74
C LEU A 100 18.03 6.46 19.04
N LEU A 101 18.28 7.27 18.03
CA LEU A 101 19.48 7.02 17.28
C LEU A 101 20.66 7.33 18.17
N ALA A 102 20.61 8.53 18.80
CA ALA A 102 21.64 9.02 19.72
C ALA A 102 21.93 7.99 20.80
N GLU A 103 20.88 7.51 21.41
CA GLU A 103 20.93 6.44 22.39
C GLU A 103 21.65 5.22 21.86
N HIS A 104 21.25 4.74 20.68
CA HIS A 104 21.84 3.53 20.10
C HIS A 104 23.31 3.76 19.80
N ARG A 105 23.66 4.92 19.27
CA ARG A 105 25.04 5.09 18.89
C ARG A 105 25.97 5.37 20.08
N ALA A 106 25.38 5.75 21.24
CA ALA A 106 26.16 6.09 22.40
C ALA A 106 26.79 4.80 22.94
N LYS A 107 26.10 3.68 22.69
CA LYS A 107 26.63 2.37 23.03
C LYS A 107 27.63 1.83 22.02
N GLY A 108 28.24 2.69 21.20
CA GLY A 108 29.20 2.25 20.21
C GLY A 108 28.74 1.75 18.81
N HIS A 109 27.43 1.59 18.54
CA HIS A 109 27.01 1.17 17.17
C HIS A 109 27.15 2.27 16.13
N GLN A 110 27.67 1.91 14.94
CA GLN A 110 27.63 2.77 13.76
C GLN A 110 26.32 2.52 13.02
N THR A 111 25.34 3.36 13.22
CA THR A 111 24.03 3.07 12.73
C THR A 111 23.48 4.25 11.94
N LYS A 112 22.93 3.94 10.77
CA LYS A 112 22.13 4.87 9.93
C LYS A 112 20.65 4.49 9.91
N LEU A 113 19.83 5.52 9.85
CA LEU A 113 18.40 5.34 9.87
C LEU A 113 17.82 5.92 8.58
N PHE A 114 16.96 5.15 7.93
CA PHE A 114 16.18 5.62 6.77
C PHE A 114 14.81 6.08 7.24
N VAL A 115 14.47 7.34 6.96
CA VAL A 115 13.31 8.04 7.50
C VAL A 115 12.48 8.69 6.33
N HIS A 116 11.20 8.33 6.23
CA HIS A 116 10.30 8.81 5.16
C HIS A 116 9.89 10.24 5.37
N LEU A 117 9.90 11.01 4.30
CA LEU A 117 9.30 12.31 4.32
C LEU A 117 8.07 12.24 3.44
N SER A 118 6.96 12.68 4.03
CA SER A 118 5.74 12.92 3.26
C SER A 118 5.94 14.03 2.25
N SER A 119 5.06 14.02 1.26
CA SER A 119 4.93 15.09 0.30
C SER A 119 4.74 16.49 0.91
N ALA A 120 3.83 16.58 1.85
CA ALA A 120 3.66 17.84 2.56
C ALA A 120 5.03 18.37 3.11
N SER A 121 5.85 17.50 3.69
CA SER A 121 7.17 17.95 4.26
C SER A 121 8.13 18.37 3.18
N LEU A 122 8.02 17.72 2.02
CA LEU A 122 8.84 18.07 0.86
C LEU A 122 8.62 19.51 0.36
N GLN A 123 7.46 20.06 0.63
CA GLN A 123 7.21 21.43 0.26
C GLN A 123 7.21 22.36 1.48
N ASP A 124 7.63 21.86 2.65
CA ASP A 124 7.62 22.71 3.83
C ASP A 124 8.95 23.45 3.97
N PRO A 125 8.94 24.76 3.72
CA PRO A 125 10.20 25.53 3.74
C PRO A 125 10.81 25.64 5.15
N GLY A 126 10.03 25.46 6.22
CA GLY A 126 10.55 25.38 7.58
C GLY A 126 11.10 24.02 8.03
N LEU A 127 11.16 23.03 7.13
CA LEU A 127 11.62 21.70 7.57
C LEU A 127 13.12 21.70 7.83
N LEU A 128 13.87 22.29 6.92
CA LEU A 128 15.31 22.34 7.09
C LEU A 128 15.92 23.13 8.30
N PRO A 129 15.37 24.32 8.60
CA PRO A 129 15.86 25.02 9.76
C PRO A 129 15.51 24.28 11.04
N TRP A 130 14.35 23.63 11.04
CA TRP A 130 13.93 22.91 12.22
C TRP A 130 14.86 21.70 12.44
N LEU A 131 15.10 20.94 11.38
CA LEU A 131 15.95 19.78 11.47
C LEU A 131 17.39 20.12 11.89
N GLY A 132 17.93 21.20 11.35
CA GLY A 132 19.31 21.59 11.62
C GLY A 132 19.47 21.83 13.12
N VAL A 133 18.46 22.48 13.71
CA VAL A 133 18.37 22.72 15.13
C VAL A 133 18.32 21.39 15.86
N ALA A 134 17.45 20.50 15.38
CA ALA A 134 17.19 19.28 16.14
C ALA A 134 18.38 18.34 16.10
N LEU A 135 19.19 18.47 15.04
CA LEU A 135 20.39 17.67 14.85
C LEU A 135 21.52 18.18 15.73
N LYS A 136 21.70 19.49 15.74
CA LYS A 136 22.70 20.10 16.59
C LYS A 136 22.41 19.84 18.06
N ALA A 137 21.14 19.88 18.41
CA ALA A 137 20.74 19.55 19.78
C ALA A 137 21.14 18.17 20.18
N ALA A 138 21.11 17.22 19.26
CA ALA A 138 21.37 15.85 19.67
C ALA A 138 22.83 15.55 19.49
N ARG A 139 23.54 16.47 18.87
CA ARG A 139 24.91 16.18 18.44
C ARG A 139 25.07 14.82 17.73
N LEU A 140 24.12 14.46 16.87
CA LEU A 140 24.27 13.28 16.01
C LEU A 140 25.44 13.48 15.12
N PRO A 141 26.31 12.49 15.05
CA PRO A 141 27.34 12.58 14.02
C PRO A 141 26.80 12.65 12.55
N PRO A 142 27.67 13.07 11.64
CA PRO A 142 27.37 13.21 10.23
C PRO A 142 26.95 11.87 9.65
N GLU A 143 26.04 11.91 8.67
CA GLU A 143 25.73 10.73 7.89
C GLU A 143 25.14 9.67 8.76
N SER A 144 24.13 10.07 9.51
CA SER A 144 23.44 9.13 10.37
C SER A 144 22.03 8.92 9.90
N LEU A 145 21.48 9.94 9.24
CA LEU A 145 20.11 9.92 8.78
C LEU A 145 20.04 9.93 7.25
N VAL A 146 19.18 9.08 6.70
CA VAL A 146 18.89 9.03 5.25
C VAL A 146 17.42 9.31 5.10
N PHE A 147 17.13 10.41 4.39
CA PHE A 147 15.73 10.83 4.24
C PHE A 147 15.17 10.24 2.96
N GLN A 148 14.02 9.59 3.08
CA GLN A 148 13.53 8.77 1.97
C GLN A 148 12.32 9.42 1.35
N ILE A 149 12.41 9.79 0.06
CA ILE A 149 11.31 10.41 -0.72
C ILE A 149 10.79 9.46 -1.83
N SER A 150 9.49 9.20 -1.87
CA SER A 150 8.84 8.57 -3.02
C SER A 150 9.21 9.16 -4.35
N GLU A 151 9.35 8.29 -5.34
CA GLU A 151 9.53 8.73 -6.72
C GLU A 151 8.39 9.67 -7.16
N ALA A 152 7.16 9.29 -6.86
CA ALA A 152 6.05 10.10 -7.27
C ALA A 152 6.11 11.50 -6.71
N ASP A 153 6.42 11.66 -5.42
CA ASP A 153 6.47 12.97 -4.78
C ASP A 153 7.66 13.73 -5.29
N ALA A 154 8.81 13.05 -5.38
CA ALA A 154 9.97 13.74 -5.89
C ALA A 154 9.65 14.25 -7.31
N THR A 155 8.96 13.42 -8.09
CA THR A 155 8.69 13.79 -9.51
C THR A 155 7.66 14.93 -9.65
N SER A 156 6.55 14.78 -8.95
CA SER A 156 5.59 15.86 -8.82
C SER A 156 6.23 17.17 -8.38
N TYR A 157 7.20 17.13 -7.46
CA TYR A 157 7.72 18.36 -6.85
C TYR A 157 9.19 18.49 -6.96
N LEU A 158 9.63 18.39 -8.20
CA LEU A 158 11.03 18.24 -8.49
C LEU A 158 11.83 19.40 -7.95
N LYS A 159 11.35 20.62 -8.17
CA LYS A 159 12.23 21.74 -7.86
C LYS A 159 12.44 21.81 -6.34
N GLN A 160 11.36 21.59 -5.59
CA GLN A 160 11.41 21.54 -4.14
C GLN A 160 12.30 20.38 -3.66
N ALA A 161 12.24 19.24 -4.35
CA ALA A 161 13.08 18.11 -3.97
C ALA A 161 14.52 18.42 -4.22
N LYS A 162 14.78 19.24 -5.22
CA LYS A 162 16.15 19.63 -5.47
C LYS A 162 16.68 20.38 -4.28
N GLN A 163 15.91 21.35 -3.79
CA GLN A 163 16.36 22.26 -2.75
C GLN A 163 16.51 21.50 -1.43
N LEU A 164 15.48 20.71 -1.11
CA LEU A 164 15.52 19.93 0.07
C LEU A 164 16.75 19.07 0.07
N THR A 165 17.02 18.34 -1.00
CA THR A 165 18.17 17.46 -1.00
C THR A 165 19.50 18.19 -1.01
N GLN A 166 19.57 19.41 -1.54
CA GLN A 166 20.84 20.14 -1.45
C GLN A 166 20.94 20.58 0.00
N GLY A 167 19.81 20.97 0.58
CA GLY A 167 19.77 21.39 1.96
C GLY A 167 20.24 20.28 2.86
N LEU A 168 19.80 19.07 2.55
CA LEU A 168 20.08 17.96 3.42
C LEU A 168 21.54 17.70 3.42
N ALA A 169 22.20 17.94 2.31
CA ALA A 169 23.60 17.53 2.19
C ALA A 169 24.37 18.53 3.02
N THR A 170 23.91 19.77 2.91
CA THR A 170 24.45 20.84 3.69
C THR A 170 24.54 20.43 5.16
N LEU A 171 23.52 19.73 5.67
CA LEU A 171 23.46 19.28 7.06
C LEU A 171 24.02 17.91 7.29
N HIS A 172 24.90 17.44 6.41
CA HIS A 172 25.49 16.11 6.56
C HIS A 172 24.46 14.98 6.69
N CYS A 173 23.32 15.19 6.04
CA CYS A 173 22.34 14.10 5.89
C CYS A 173 22.43 13.52 4.47
N GLN A 174 21.83 12.35 4.28
CA GLN A 174 21.83 11.70 3.01
C GLN A 174 20.40 11.57 2.54
N ALA A 175 20.24 11.15 1.27
CA ALA A 175 18.90 10.94 0.76
C ALA A 175 18.74 9.72 -0.15
N ALA A 176 17.51 9.22 -0.17
CA ALA A 176 17.11 8.10 -0.97
C ALA A 176 15.81 8.39 -1.76
N ILE A 177 15.75 7.91 -3.01
CA ILE A 177 14.46 7.79 -3.73
C ILE A 177 13.92 6.38 -3.58
N SER A 178 12.74 6.25 -3.00
CA SER A 178 12.10 4.96 -2.95
C SER A 178 11.00 4.80 -4.04
N GLN A 179 10.46 3.59 -4.12
CA GLN A 179 9.52 3.17 -5.16
C GLN A 179 10.01 3.54 -6.59
N PHE A 180 11.32 3.55 -6.79
CA PHE A 180 11.90 4.03 -8.04
C PHE A 180 11.63 3.09 -9.23
N GLY A 181 11.47 3.68 -10.41
CA GLY A 181 11.42 2.92 -11.64
C GLY A 181 10.04 2.71 -12.22
N CYS A 182 9.01 3.31 -11.61
CA CYS A 182 7.64 3.11 -12.08
C CYS A 182 7.20 4.09 -13.18
N SER A 183 7.83 5.24 -13.17
CA SER A 183 7.49 6.28 -14.06
C SER A 183 8.30 6.13 -15.36
N LEU A 184 7.82 6.83 -16.37
CA LEU A 184 8.45 6.89 -17.66
C LEU A 184 9.70 7.71 -17.55
N ASN A 185 10.79 7.34 -18.20
CA ASN A 185 12.07 8.06 -17.98
C ASN A 185 12.38 8.38 -16.48
N PRO A 186 12.52 7.35 -15.65
CA PRO A 186 12.68 7.61 -14.19
C PRO A 186 14.04 8.20 -13.84
N PHE A 187 15.05 7.93 -14.67
CA PHE A 187 16.36 8.47 -14.48
C PHE A 187 16.43 9.97 -14.64
N ASN A 188 15.46 10.53 -15.35
CA ASN A 188 15.42 11.97 -15.49
C ASN A 188 15.42 12.71 -14.15
N ALA A 189 14.50 12.38 -13.27
CA ALA A 189 14.47 13.09 -11.96
C ALA A 189 15.82 13.02 -11.18
N LEU A 190 16.63 11.96 -11.37
CA LEU A 190 17.93 11.86 -10.67
C LEU A 190 18.89 12.90 -11.14
N LYS A 191 18.62 13.51 -12.29
CA LYS A 191 19.61 14.45 -12.81
C LYS A 191 19.56 15.77 -12.03
N HIS A 192 18.54 15.93 -11.18
CA HIS A 192 18.29 17.18 -10.48
C HIS A 192 18.34 17.07 -8.94
N LEU A 193 18.76 15.92 -8.43
CA LEU A 193 18.63 15.66 -7.00
C LEU A 193 19.91 15.19 -6.44
N THR A 194 20.05 15.31 -5.13
CA THR A 194 21.23 14.79 -4.45
C THR A 194 20.83 13.57 -3.61
N VAL A 195 21.09 12.38 -4.14
CA VAL A 195 20.58 11.17 -3.55
C VAL A 195 21.66 10.17 -3.72
N GLN A 196 21.92 9.40 -2.67
CA GLN A 196 22.98 8.39 -2.73
C GLN A 196 22.30 7.04 -2.90
N PHE A 197 21.07 6.93 -2.41
CA PHE A 197 20.46 5.62 -2.39
C PHE A 197 19.19 5.64 -3.26
N ILE A 198 18.97 4.52 -3.96
CA ILE A 198 17.78 4.37 -4.78
C ILE A 198 17.17 3.05 -4.42
N LYS A 199 15.96 3.11 -3.88
CA LYS A 199 15.25 1.94 -3.46
C LYS A 199 14.15 1.64 -4.49
N ILE A 200 14.26 0.46 -5.06
CA ILE A 200 13.57 0.08 -6.27
C ILE A 200 12.15 -0.36 -5.93
N ASP A 201 11.15 -0.05 -6.75
CA ASP A 201 9.80 -0.44 -6.43
C ASP A 201 9.67 -1.97 -6.39
N GLY A 202 8.80 -2.45 -5.49
CA GLY A 202 8.44 -3.85 -5.36
C GLY A 202 8.05 -4.51 -6.70
N SER A 203 7.53 -3.70 -7.58
CA SER A 203 7.06 -4.15 -8.90
C SER A 203 8.17 -4.97 -9.57
N PHE A 204 9.43 -4.54 -9.44
CA PHE A 204 10.52 -5.30 -10.00
C PHE A 204 10.90 -6.60 -9.30
N VAL A 205 10.29 -6.91 -8.17
CA VAL A 205 10.74 -8.06 -7.38
C VAL A 205 9.79 -9.24 -7.48
N GLN A 206 8.66 -9.03 -8.12
CA GLN A 206 7.64 -10.06 -8.23
C GLN A 206 8.02 -11.01 -9.39
N ASP A 207 7.66 -12.27 -9.25
CA ASP A 207 7.83 -13.27 -10.30
C ASP A 207 9.23 -13.27 -10.89
N LEU A 208 10.21 -13.29 -9.99
CA LEU A 208 11.60 -13.19 -10.42
C LEU A 208 12.18 -14.50 -10.92
N ASN A 209 11.39 -15.57 -10.84
CA ASN A 209 11.74 -16.83 -11.49
C ASN A 209 11.71 -16.73 -13.05
N GLN A 210 11.05 -15.70 -13.60
CA GLN A 210 11.01 -15.51 -15.06
C GLN A 210 12.21 -14.67 -15.50
N VAL A 211 12.94 -15.14 -16.51
CA VAL A 211 14.22 -14.56 -16.91
C VAL A 211 14.09 -13.11 -17.35
N GLU A 212 12.96 -12.79 -17.94
CA GLU A 212 12.69 -11.40 -18.36
C GLU A 212 12.72 -10.45 -17.17
N ASN A 213 12.10 -10.87 -16.08
CA ASN A 213 12.05 -10.05 -14.88
C ASN A 213 13.47 -9.97 -14.33
N GLN A 214 14.20 -11.08 -14.37
CA GLN A 214 15.60 -11.04 -13.96
C GLN A 214 16.39 -10.07 -14.83
N GLU A 215 16.15 -10.09 -16.13
CA GLU A 215 17.00 -9.26 -16.97
C GLU A 215 16.68 -7.80 -16.77
N ILE A 216 15.39 -7.49 -16.65
CA ILE A 216 14.98 -6.11 -16.36
C ILE A 216 15.53 -5.61 -14.97
N LEU A 217 15.43 -6.42 -13.92
CA LEU A 217 16.00 -6.02 -12.61
C LEU A 217 17.43 -5.69 -12.83
N LYS A 218 18.09 -6.58 -13.57
CA LYS A 218 19.52 -6.51 -13.70
C LYS A 218 19.94 -5.26 -14.47
N GLY A 219 19.24 -4.94 -15.55
CA GLY A 219 19.53 -3.71 -16.27
C GLY A 219 19.18 -2.42 -15.52
N LEU A 220 18.14 -2.46 -14.73
CA LEU A 220 17.87 -1.35 -13.81
C LEU A 220 19.02 -1.13 -12.82
N ILE A 221 19.43 -2.21 -12.16
CA ILE A 221 20.48 -2.06 -11.15
C ILE A 221 21.78 -1.54 -11.77
N ALA A 222 22.09 -1.98 -13.00
CA ALA A 222 23.33 -1.58 -13.67
C ALA A 222 23.38 -0.11 -14.07
N GLU A 223 22.25 0.41 -14.51
CA GLU A 223 22.12 1.82 -14.90
C GLU A 223 22.27 2.66 -13.65
N LEU A 224 21.68 2.19 -12.55
CA LEU A 224 21.87 2.85 -11.25
C LEU A 224 23.32 2.85 -10.88
N HIS A 225 23.98 1.70 -11.04
CA HIS A 225 25.40 1.60 -10.74
C HIS A 225 26.16 2.49 -11.70
N GLU A 226 25.70 2.58 -12.95
CA GLU A 226 26.33 3.48 -13.89
C GLU A 226 26.28 4.89 -13.35
N GLN A 227 25.11 5.28 -12.86
CA GLN A 227 24.91 6.58 -12.23
C GLN A 227 25.44 6.69 -10.79
N GLN A 228 26.25 5.74 -10.37
CA GLN A 228 26.92 5.80 -9.06
C GLN A 228 25.93 5.97 -7.91
N LYS A 229 24.85 5.21 -7.95
CA LYS A 229 23.89 5.16 -6.88
C LYS A 229 23.94 3.80 -6.24
N LEU A 230 23.62 3.74 -4.95
CA LEU A 230 23.57 2.46 -4.29
C LEU A 230 22.13 2.00 -4.30
N SER A 231 21.93 0.77 -4.77
CA SER A 231 20.58 0.26 -4.99
C SER A 231 20.10 -0.49 -3.78
N ILE A 232 18.83 -0.32 -3.44
CA ILE A 232 18.24 -1.12 -2.40
C ILE A 232 17.08 -1.87 -2.96
N VAL A 233 17.06 -3.19 -2.71
CA VAL A 233 15.97 -4.00 -3.21
C VAL A 233 15.17 -4.56 -2.06
N PRO A 234 13.89 -4.22 -2.01
CA PRO A 234 12.98 -4.60 -0.93
C PRO A 234 12.20 -5.84 -1.24
N PHE A 235 11.34 -6.25 -0.29
CA PHE A 235 10.39 -7.33 -0.52
C PHE A 235 11.09 -8.67 -0.80
N VAL A 236 12.29 -8.82 -0.26
CA VAL A 236 12.92 -10.13 -0.23
C VAL A 236 12.14 -11.06 0.72
N GLU A 237 11.33 -11.95 0.15
CA GLU A 237 10.42 -12.83 0.89
C GLU A 237 10.78 -14.34 0.95
N SER A 238 11.92 -14.71 0.40
CA SER A 238 12.35 -16.12 0.32
C SER A 238 13.76 -16.20 -0.20
N ALA A 239 14.37 -17.38 -0.06
CA ALA A 239 15.76 -17.59 -0.38
C ALA A 239 16.08 -17.44 -1.85
N SER A 240 15.16 -17.93 -2.67
CA SER A 240 15.33 -17.98 -4.12
C SER A 240 15.60 -16.64 -4.77
N VAL A 241 15.01 -15.60 -4.22
CA VAL A 241 15.19 -14.29 -4.80
C VAL A 241 16.52 -13.65 -4.31
N LEU A 242 16.98 -14.11 -3.14
CA LEU A 242 18.25 -13.70 -2.58
C LEU A 242 19.39 -13.92 -3.56
N ALA A 243 19.48 -15.15 -4.05
CA ALA A 243 20.48 -15.52 -5.02
C ALA A 243 20.34 -14.65 -6.25
N THR A 244 19.13 -14.53 -6.77
CA THR A 244 18.91 -13.63 -7.93
C THR A 244 19.44 -12.21 -7.69
N LEU A 245 19.16 -11.68 -6.51
CA LEU A 245 19.59 -10.33 -6.18
C LEU A 245 21.10 -10.15 -6.02
N TRP A 246 21.79 -11.18 -5.51
CA TRP A 246 23.28 -11.19 -5.53
C TRP A 246 23.81 -11.10 -6.94
N GLN A 247 23.33 -11.99 -7.79
CA GLN A 247 23.85 -12.04 -9.14
C GLN A 247 23.51 -10.77 -9.92
N ALA A 248 22.35 -10.16 -9.67
CA ALA A 248 22.03 -8.90 -10.35
C ALA A 248 22.80 -7.71 -9.83
N GLY A 249 23.49 -7.86 -8.71
CA GLY A 249 24.32 -6.76 -8.22
C GLY A 249 23.67 -5.83 -7.21
N ALA A 250 22.57 -6.24 -6.60
CA ALA A 250 21.96 -5.35 -5.61
C ALA A 250 22.97 -4.95 -4.50
N THR A 251 22.95 -3.69 -4.09
CA THR A 251 23.85 -3.26 -3.06
C THR A 251 23.35 -3.57 -1.66
N TYR A 252 22.05 -3.34 -1.48
CA TYR A 252 21.33 -3.67 -0.25
C TYR A 252 20.03 -4.38 -0.60
N ILE A 253 19.46 -5.01 0.41
CA ILE A 253 18.24 -5.74 0.26
C ILE A 253 17.47 -5.69 1.57
N GLN A 254 16.21 -6.05 1.51
CA GLN A 254 15.41 -5.96 2.68
C GLN A 254 14.20 -6.79 2.47
N GLY A 255 13.70 -7.40 3.53
CA GLY A 255 12.44 -8.10 3.50
C GLY A 255 12.32 -9.03 4.69
N TYR A 256 11.11 -9.52 4.94
CA TYR A 256 10.82 -10.34 6.08
C TYR A 256 11.62 -11.63 6.06
N TYR A 257 11.99 -12.11 4.87
CA TYR A 257 12.83 -13.28 4.82
C TYR A 257 14.17 -13.03 5.53
N LEU A 258 14.66 -11.80 5.54
CA LEU A 258 15.91 -11.49 6.23
C LEU A 258 15.65 -11.09 7.68
N GLN A 259 14.75 -10.13 7.86
CA GLN A 259 14.33 -9.64 9.17
C GLN A 259 13.13 -8.74 8.99
N GLY A 260 12.11 -9.00 9.76
CA GLY A 260 10.98 -8.11 9.86
C GLY A 260 11.33 -6.92 10.74
N PRO A 261 10.38 -6.00 10.87
CA PRO A 261 10.35 -4.85 11.77
C PRO A 261 10.43 -5.28 13.23
N SER A 262 11.34 -4.68 13.98
CA SER A 262 11.53 -4.90 15.41
C SER A 262 11.23 -3.61 16.18
N GLN A 263 10.70 -3.71 17.39
CA GLN A 263 10.47 -2.53 18.26
C GLN A 263 11.75 -1.86 18.70
N ALA A 264 12.85 -2.59 18.65
CA ALA A 264 14.14 -2.02 18.92
C ALA A 264 15.16 -2.36 17.82
N MET A 265 16.23 -1.58 17.76
CA MET A 265 17.38 -1.89 16.91
C MET A 265 18.29 -2.94 17.54
N ASP A 266 17.84 -4.19 17.52
CA ASP A 266 18.58 -5.29 18.13
C ASP A 266 19.05 -6.36 17.11
N TYR A 267 19.18 -6.01 15.83
CA TYR A 267 19.54 -7.00 14.82
C TYR A 267 21.05 -7.18 14.77
N ASP A 268 21.51 -8.42 14.79
CA ASP A 268 22.94 -8.65 14.76
C ASP A 268 23.38 -8.77 13.31
N PHE A 269 23.95 -7.70 12.76
CA PHE A 269 24.31 -7.65 11.37
C PHE A 269 25.43 -8.66 10.99
N SER A 270 26.18 -9.14 12.00
CA SER A 270 27.14 -10.25 11.82
C SER A 270 26.45 -11.63 11.88
N SER A 271 25.17 -11.71 11.49
CA SER A 271 24.23 -12.79 11.83
C SER A 271 24.48 -13.37 13.21
N GLN B 22 13.10 -12.71 14.29
CA GLN B 22 11.79 -12.36 13.73
C GLN B 22 11.87 -12.33 12.16
N ARG B 23 11.70 -13.49 11.54
CA ARG B 23 11.79 -13.61 10.08
C ARG B 23 11.03 -14.85 9.53
N GLY B 24 11.07 -15.06 8.23
CA GLY B 24 10.51 -16.28 7.65
C GLY B 24 10.28 -16.19 6.16
N ASP B 25 10.27 -17.37 5.50
CA ASP B 25 9.92 -17.47 4.09
C ASP B 25 8.44 -17.27 3.95
N VAL B 26 8.02 -16.14 3.38
CA VAL B 26 6.60 -15.80 3.44
C VAL B 26 5.82 -16.54 2.37
N ILE B 27 6.51 -16.88 1.30
CA ILE B 27 5.94 -17.73 0.30
C ILE B 27 5.53 -19.03 0.97
N ALA B 28 6.50 -19.75 1.53
CA ALA B 28 6.21 -20.99 2.25
C ALA B 28 5.10 -20.79 3.28
N ILE B 29 5.11 -19.66 3.99
CA ILE B 29 4.08 -19.43 5.01
C ILE B 29 2.68 -19.34 4.40
N LEU B 30 2.58 -18.79 3.19
CA LEU B 30 1.30 -18.68 2.53
C LEU B 30 0.87 -20.03 2.01
N GLN B 31 1.86 -20.78 1.52
CA GLN B 31 1.61 -22.08 0.91
C GLN B 31 1.13 -23.05 1.96
N GLN B 32 1.53 -22.79 3.19
CA GLN B 32 1.25 -23.66 4.30
C GLN B 32 0.09 -23.09 5.08
N ALA B 33 -0.43 -21.96 4.62
CA ALA B 33 -1.60 -21.36 5.22
C ALA B 33 -2.80 -21.84 4.42
N LEU B 34 -2.64 -21.89 3.11
CA LEU B 34 -3.64 -22.51 2.25
C LEU B 34 -3.82 -23.98 2.64
N GLU B 35 -2.68 -24.65 2.73
CA GLU B 35 -2.67 -26.05 3.14
C GLU B 35 -3.60 -26.27 4.33
N THR B 36 -3.67 -25.30 5.24
CA THR B 36 -4.34 -25.52 6.52
C THR B 36 -5.56 -24.64 6.77
N ASN B 37 -6.03 -23.97 5.73
CA ASN B 37 -7.07 -22.95 5.91
C ASN B 37 -6.78 -22.00 7.07
N SER B 38 -5.56 -21.46 7.14
CA SER B 38 -5.19 -20.48 8.16
C SER B 38 -5.28 -19.03 7.67
N PHE B 39 -6.48 -18.63 7.28
CA PHE B 39 -6.75 -17.27 6.80
C PHE B 39 -8.04 -16.79 7.43
N ARG B 40 -8.34 -15.50 7.35
CA ARG B 40 -9.61 -14.98 7.83
C ARG B 40 -10.15 -13.96 6.85
N LEU B 41 -11.46 -13.73 6.86
CA LEU B 41 -12.01 -12.66 6.01
C LEU B 41 -12.61 -11.56 6.84
N LEU B 42 -12.33 -10.32 6.47
CA LEU B 42 -12.97 -9.18 7.13
C LEU B 42 -13.96 -8.55 6.14
N PHE B 43 -14.86 -7.71 6.65
CA PHE B 43 -15.91 -7.16 5.82
C PHE B 43 -16.06 -5.69 6.07
N GLN B 44 -15.75 -4.88 5.07
CA GLN B 44 -15.85 -3.45 5.27
C GLN B 44 -17.00 -2.86 4.48
N PRO B 45 -18.06 -2.48 5.17
CA PRO B 45 -19.29 -2.15 4.47
C PRO B 45 -19.05 -1.03 3.48
N VAL B 46 -19.92 -0.93 2.48
CA VAL B 46 -19.85 0.15 1.54
C VAL B 46 -21.19 0.82 1.65
N ILE B 47 -21.18 2.14 1.70
CA ILE B 47 -22.34 2.85 2.17
C ILE B 47 -22.95 3.72 1.09
N SER B 48 -24.26 3.53 0.87
CA SER B 48 -24.98 4.22 -0.18
C SER B 48 -25.31 5.66 0.13
N LEU B 49 -24.84 6.57 -0.72
CA LEU B 49 -25.30 7.96 -0.70
C LEU B 49 -26.50 8.19 -1.63
N ARG B 50 -26.57 7.46 -2.75
CA ARG B 50 -27.78 7.42 -3.56
C ARG B 50 -28.32 6.00 -3.56
N GLY B 51 -29.54 5.89 -3.03
CA GLY B 51 -30.07 4.66 -2.47
C GLY B 51 -29.62 3.31 -2.97
N ASP B 52 -29.45 2.39 -2.02
CA ASP B 52 -29.32 0.98 -2.37
C ASP B 52 -29.76 0.12 -1.20
N SER B 53 -30.85 -0.60 -1.42
CA SER B 53 -31.34 -1.63 -0.51
C SER B 53 -30.25 -2.61 -0.07
N HIS B 54 -29.19 -2.75 -0.86
CA HIS B 54 -28.24 -3.83 -0.61
C HIS B 54 -27.36 -3.50 0.60
N GLU B 55 -26.92 -4.55 1.28
CA GLU B 55 -25.85 -4.45 2.25
C GLU B 55 -24.58 -4.73 1.49
N ASN B 56 -23.82 -3.70 1.20
CA ASN B 56 -22.58 -3.91 0.48
C ASN B 56 -21.38 -3.92 1.41
N TYR B 57 -20.62 -5.02 1.35
CA TYR B 57 -19.36 -5.16 2.08
C TYR B 57 -18.20 -5.50 1.15
N GLU B 58 -17.04 -4.90 1.36
CA GLU B 58 -15.83 -5.34 0.66
C GLU B 58 -15.17 -6.47 1.45
N VAL B 59 -14.76 -7.52 0.76
CA VAL B 59 -14.09 -8.64 1.38
C VAL B 59 -12.60 -8.33 1.45
N LEU B 60 -12.02 -8.41 2.64
CA LEU B 60 -10.58 -8.17 2.83
C LEU B 60 -9.95 -9.40 3.45
N LEU B 61 -8.67 -9.60 3.19
CA LEU B 61 -7.99 -10.81 3.63
C LEU B 61 -6.83 -10.51 4.58
N ARG B 62 -6.74 -11.37 5.59
CA ARG B 62 -5.70 -11.31 6.58
C ARG B 62 -5.20 -12.73 6.78
N LEU B 63 -3.97 -12.83 7.26
CA LEU B 63 -3.33 -14.11 7.45
C LEU B 63 -3.23 -14.42 8.94
N LEU B 64 -3.65 -15.61 9.31
CA LEU B 64 -3.51 -16.05 10.71
C LEU B 64 -2.07 -16.50 10.88
N ASN B 65 -1.33 -15.74 11.67
CA ASN B 65 0.12 -15.90 11.78
C ASN B 65 0.59 -17.15 12.52
N PRO B 66 1.61 -17.85 11.97
CA PRO B 66 2.17 -18.95 12.76
C PRO B 66 2.61 -18.37 14.10
N GLN B 67 2.54 -19.16 15.16
CA GLN B 67 2.38 -18.64 16.53
C GLN B 67 3.19 -17.39 16.92
N GLY B 68 4.52 -17.43 16.83
CA GLY B 68 5.30 -16.24 17.16
C GLY B 68 5.21 -15.15 16.09
N GLN B 69 5.39 -15.55 14.83
CA GLN B 69 5.61 -14.64 13.72
C GLN B 69 4.45 -13.72 13.36
N GLU B 70 4.78 -12.45 13.15
CA GLU B 70 3.84 -11.46 12.61
C GLU B 70 4.30 -11.05 11.19
N VAL B 71 3.59 -11.50 10.14
CA VAL B 71 3.97 -11.14 8.79
C VAL B 71 3.43 -9.75 8.54
N PRO B 72 4.32 -8.79 8.26
CA PRO B 72 3.82 -7.44 7.99
C PRO B 72 2.90 -7.44 6.76
N PRO B 73 1.75 -6.78 6.88
CA PRO B 73 0.70 -6.74 5.85
C PRO B 73 1.21 -6.44 4.45
N ALA B 74 1.97 -5.37 4.26
CA ALA B 74 2.48 -5.04 2.93
C ALA B 74 3.35 -6.16 2.37
N GLU B 75 4.03 -6.91 3.22
CA GLU B 75 4.94 -7.93 2.72
C GLU B 75 4.09 -9.15 2.40
N PHE B 76 3.07 -9.37 3.21
CA PHE B 76 2.11 -10.42 2.95
C PHE B 76 1.44 -10.20 1.57
N LEU B 77 0.85 -9.03 1.36
CA LEU B 77 0.12 -8.77 0.13
C LEU B 77 1.06 -8.91 -1.02
N HIS B 78 2.25 -8.35 -0.91
CA HIS B 78 3.22 -8.53 -1.96
C HIS B 78 3.44 -10.02 -2.31
N ALA B 79 3.64 -10.86 -1.29
CA ALA B 79 3.93 -12.25 -1.55
C ALA B 79 2.73 -12.92 -2.27
N ALA B 80 1.54 -12.54 -1.84
CA ALA B 80 0.33 -13.15 -2.36
C ALA B 80 -0.04 -12.74 -3.79
N LYS B 81 0.73 -11.85 -4.42
CA LYS B 81 0.53 -11.51 -5.84
C LYS B 81 1.40 -12.37 -6.74
N GLU B 82 2.19 -13.24 -6.13
CA GLU B 82 3.16 -14.04 -6.86
C GLU B 82 2.41 -15.11 -7.72
N ALA B 83 2.76 -15.19 -9.01
CA ALA B 83 2.16 -16.17 -9.92
C ALA B 83 2.25 -17.60 -9.42
N GLY B 84 1.13 -18.27 -9.64
CA GLY B 84 0.63 -19.43 -8.94
C GLY B 84 0.36 -19.47 -7.46
N LEU B 85 0.78 -18.51 -6.66
CA LEU B 85 0.30 -18.48 -5.29
C LEU B 85 -1.04 -17.75 -5.32
N ALA B 86 -1.08 -16.69 -6.11
CA ALA B 86 -2.19 -15.73 -6.12
C ALA B 86 -3.53 -16.34 -6.56
N GLU B 87 -3.51 -17.08 -7.66
CA GLU B 87 -4.65 -17.88 -8.09
C GLU B 87 -5.19 -18.72 -6.93
N LYS B 88 -4.37 -19.60 -6.38
CA LYS B 88 -4.81 -20.42 -5.24
C LYS B 88 -5.46 -19.55 -4.19
N ILE B 89 -4.82 -18.44 -3.86
CA ILE B 89 -5.33 -17.59 -2.80
C ILE B 89 -6.62 -16.91 -3.23
N ASP B 90 -6.65 -16.38 -4.44
CA ASP B 90 -7.89 -15.78 -4.90
C ASP B 90 -9.02 -16.79 -4.75
N ARG B 91 -8.73 -18.03 -5.08
CA ARG B 91 -9.77 -19.05 -5.08
C ARG B 91 -10.25 -19.35 -3.67
N TRP B 92 -9.34 -19.41 -2.70
CA TRP B 92 -9.72 -19.62 -1.31
C TRP B 92 -10.71 -18.56 -0.84
N VAL B 93 -10.46 -17.32 -1.22
CA VAL B 93 -11.26 -16.18 -0.80
C VAL B 93 -12.66 -16.28 -1.41
N ILE B 94 -12.71 -16.52 -2.72
CA ILE B 94 -13.97 -16.71 -3.42
C ILE B 94 -14.79 -17.84 -2.78
N LEU B 95 -14.21 -19.03 -2.78
CA LEU B 95 -14.85 -20.19 -2.19
C LEU B 95 -15.45 -19.85 -0.83
N ASN B 96 -14.58 -19.50 0.12
CA ASN B 96 -15.01 -19.18 1.48
C ASN B 96 -15.94 -17.98 1.51
N SER B 97 -15.76 -17.05 0.58
CA SER B 97 -16.66 -15.89 0.54
C SER B 97 -18.08 -16.35 0.23
N ILE B 98 -18.18 -17.33 -0.66
CA ILE B 98 -19.49 -17.82 -1.02
C ILE B 98 -20.09 -18.62 0.14
N LYS B 99 -19.30 -19.54 0.68
CA LYS B 99 -19.73 -20.32 1.81
C LYS B 99 -20.39 -19.41 2.83
N LEU B 100 -19.64 -18.42 3.32
CA LEU B 100 -20.19 -17.54 4.33
C LEU B 100 -21.38 -16.76 3.79
N LEU B 101 -21.32 -16.37 2.53
CA LEU B 101 -22.39 -15.54 1.99
C LEU B 101 -23.72 -16.30 1.93
N ALA B 102 -23.65 -17.62 1.81
CA ALA B 102 -24.88 -18.42 1.83
C ALA B 102 -25.41 -18.58 3.26
N GLU B 103 -24.52 -18.83 4.22
CA GLU B 103 -24.91 -18.85 5.64
C GLU B 103 -25.67 -17.57 5.98
N HIS B 104 -25.25 -16.45 5.40
CA HIS B 104 -25.73 -15.13 5.79
C HIS B 104 -27.06 -14.76 5.14
N ARG B 105 -27.10 -14.71 3.81
CA ARG B 105 -28.34 -14.35 3.12
C ARG B 105 -29.49 -15.21 3.64
N ALA B 106 -29.17 -16.47 3.95
CA ALA B 106 -30.13 -17.42 4.50
C ALA B 106 -30.93 -16.78 5.62
N LYS B 107 -30.28 -15.86 6.32
CA LYS B 107 -30.91 -15.10 7.40
C LYS B 107 -31.92 -14.10 6.86
N GLY B 108 -32.22 -14.19 5.55
CA GLY B 108 -33.15 -13.28 4.90
C GLY B 108 -32.43 -12.04 4.41
N HIS B 109 -31.15 -11.95 4.75
CA HIS B 109 -30.33 -10.78 4.46
C HIS B 109 -30.08 -10.54 2.97
N GLN B 110 -30.35 -9.32 2.52
CA GLN B 110 -30.09 -8.92 1.14
C GLN B 110 -28.70 -8.27 1.02
N THR B 111 -27.70 -9.14 0.89
CA THR B 111 -26.28 -8.78 1.01
C THR B 111 -25.51 -8.95 -0.31
N LYS B 112 -24.44 -8.18 -0.47
CA LYS B 112 -23.61 -8.25 -1.67
C LYS B 112 -22.13 -8.01 -1.32
N LEU B 113 -21.26 -8.88 -1.79
CA LEU B 113 -19.83 -8.82 -1.43
C LEU B 113 -18.92 -8.44 -2.61
N PHE B 114 -18.03 -7.47 -2.38
CA PHE B 114 -17.01 -7.15 -3.36
C PHE B 114 -15.77 -7.99 -3.09
N VAL B 115 -15.31 -8.73 -4.12
CA VAL B 115 -14.10 -9.56 -3.96
C VAL B 115 -12.97 -9.16 -4.91
N HIS B 116 -11.73 -9.20 -4.40
CA HIS B 116 -10.61 -8.76 -5.19
C HIS B 116 -10.16 -9.90 -6.06
N LEU B 117 -9.70 -9.56 -7.25
CA LEU B 117 -9.05 -10.51 -8.12
C LEU B 117 -7.66 -10.04 -8.44
N SER B 118 -6.71 -10.96 -8.38
CA SER B 118 -5.33 -10.60 -8.71
C SER B 118 -5.10 -10.59 -10.18
N SER B 119 -3.93 -10.08 -10.52
CA SER B 119 -3.50 -9.99 -11.90
C SER B 119 -3.44 -11.38 -12.47
N ALA B 120 -2.84 -12.28 -11.71
CA ALA B 120 -2.70 -13.67 -12.11
C ALA B 120 -4.06 -14.27 -12.47
N SER B 121 -4.96 -14.23 -11.51
CA SER B 121 -6.30 -14.73 -11.73
C SER B 121 -6.93 -14.19 -13.00
N LEU B 122 -6.87 -12.88 -13.16
CA LEU B 122 -7.42 -12.22 -14.34
C LEU B 122 -6.87 -12.81 -15.65
N GLN B 123 -5.69 -13.41 -15.56
CA GLN B 123 -4.99 -13.96 -16.71
C GLN B 123 -5.31 -15.42 -16.92
N ASP B 124 -5.84 -16.04 -15.88
CA ASP B 124 -5.99 -17.47 -15.79
C ASP B 124 -7.21 -17.95 -16.54
N PRO B 125 -7.02 -18.59 -17.71
CA PRO B 125 -8.17 -18.95 -18.54
C PRO B 125 -9.18 -19.83 -17.82
N GLY B 126 -8.72 -20.73 -16.98
CA GLY B 126 -9.62 -21.61 -16.29
C GLY B 126 -10.46 -21.02 -15.15
N LEU B 127 -10.46 -19.69 -14.97
CA LEU B 127 -11.16 -19.10 -13.81
C LEU B 127 -12.69 -19.09 -13.87
N LEU B 128 -13.26 -18.59 -14.97
CA LEU B 128 -14.71 -18.60 -15.19
C LEU B 128 -15.28 -20.03 -15.10
N PRO B 129 -14.58 -21.01 -15.71
CA PRO B 129 -14.99 -22.40 -15.47
C PRO B 129 -15.01 -22.74 -13.98
N TRP B 130 -13.87 -22.65 -13.30
CA TRP B 130 -13.82 -22.93 -11.87
C TRP B 130 -14.94 -22.24 -11.08
N LEU B 131 -15.26 -21.03 -11.49
CA LEU B 131 -16.21 -20.19 -10.78
C LEU B 131 -17.66 -20.66 -10.98
N GLY B 132 -17.97 -21.07 -12.21
CA GLY B 132 -19.29 -21.60 -12.54
C GLY B 132 -19.61 -22.78 -11.66
N VAL B 133 -18.76 -23.81 -11.72
CA VAL B 133 -18.91 -25.02 -10.89
C VAL B 133 -19.00 -24.65 -9.41
N ALA B 134 -18.28 -23.61 -9.02
CA ALA B 134 -18.24 -23.20 -7.62
C ALA B 134 -19.58 -22.62 -7.23
N LEU B 135 -20.09 -21.78 -8.11
CA LEU B 135 -21.35 -21.08 -7.90
C LEU B 135 -22.58 -22.01 -7.93
N LYS B 136 -22.62 -22.98 -8.85
CA LYS B 136 -23.64 -24.03 -8.80
C LYS B 136 -23.68 -24.66 -7.39
N ALA B 137 -22.56 -25.20 -6.93
CA ALA B 137 -22.51 -25.90 -5.64
C ALA B 137 -22.95 -25.00 -4.48
N ALA B 138 -23.17 -23.72 -4.76
CA ALA B 138 -23.48 -22.76 -3.73
C ALA B 138 -24.97 -22.41 -3.77
N ARG B 139 -25.59 -22.68 -4.90
CA ARG B 139 -26.96 -22.23 -5.10
C ARG B 139 -26.96 -20.81 -4.55
N LEU B 140 -26.07 -19.99 -5.10
CA LEU B 140 -25.89 -18.63 -4.63
C LEU B 140 -26.86 -17.71 -5.39
N PRO B 141 -27.59 -16.84 -4.67
CA PRO B 141 -28.47 -15.82 -5.27
C PRO B 141 -27.75 -14.93 -6.31
N PRO B 142 -28.52 -14.32 -7.21
CA PRO B 142 -27.82 -13.59 -8.27
C PRO B 142 -27.42 -12.18 -7.85
N GLU B 143 -26.47 -11.58 -8.57
CA GLU B 143 -26.10 -10.18 -8.38
C GLU B 143 -25.70 -9.93 -6.93
N SER B 144 -25.17 -10.98 -6.31
CA SER B 144 -24.70 -10.89 -4.94
C SER B 144 -23.18 -10.72 -4.88
N LEU B 145 -22.49 -11.07 -5.98
CA LEU B 145 -21.03 -10.92 -6.07
C LEU B 145 -20.61 -9.81 -7.07
N VAL B 146 -19.82 -8.85 -6.57
CA VAL B 146 -19.16 -7.88 -7.43
C VAL B 146 -17.65 -8.12 -7.44
N PHE B 147 -17.10 -8.52 -8.60
CA PHE B 147 -15.65 -8.77 -8.70
C PHE B 147 -14.86 -7.54 -9.05
N GLN B 148 -13.74 -7.37 -8.34
CA GLN B 148 -13.00 -6.11 -8.32
C GLN B 148 -11.60 -6.23 -8.91
N ILE B 149 -11.28 -5.33 -9.83
CA ILE B 149 -10.04 -5.37 -10.60
C ILE B 149 -9.39 -4.02 -10.54
N SER B 150 -8.14 -4.00 -10.08
CA SER B 150 -7.30 -2.80 -10.16
C SER B 150 -7.25 -2.24 -11.55
N GLU B 151 -7.20 -0.93 -11.63
CA GLU B 151 -7.17 -0.29 -12.92
C GLU B 151 -5.87 -0.59 -13.62
N ALA B 152 -4.79 -0.81 -12.86
CA ALA B 152 -3.52 -1.09 -13.49
C ALA B 152 -3.58 -2.46 -14.10
N ASP B 153 -3.98 -3.46 -13.32
CA ASP B 153 -4.19 -4.81 -13.83
C ASP B 153 -5.42 -4.79 -14.64
N ALA B 154 -5.32 -4.69 -15.95
CA ALA B 154 -6.54 -4.61 -16.73
C ALA B 154 -6.51 -3.41 -17.58
N THR B 155 -5.77 -2.39 -17.19
CA THR B 155 -5.34 -1.47 -18.23
C THR B 155 -4.23 -2.19 -19.01
N SER B 156 -3.52 -3.08 -18.30
CA SER B 156 -2.47 -3.91 -18.87
C SER B 156 -2.95 -5.12 -19.64
N TYR B 157 -3.86 -5.85 -19.03
CA TYR B 157 -4.44 -7.06 -19.58
C TYR B 157 -5.85 -6.78 -20.07
N LEU B 158 -5.97 -5.79 -20.94
CA LEU B 158 -7.27 -5.29 -21.32
C LEU B 158 -8.17 -6.33 -21.95
N LYS B 159 -7.59 -7.21 -22.77
CA LYS B 159 -8.34 -8.23 -23.51
C LYS B 159 -8.78 -9.36 -22.60
N GLN B 160 -7.91 -9.75 -21.66
CA GLN B 160 -8.33 -10.74 -20.67
C GLN B 160 -9.43 -10.17 -19.73
N ALA B 161 -9.40 -8.86 -19.45
CA ALA B 161 -10.41 -8.24 -18.58
C ALA B 161 -11.75 -8.20 -19.29
N LYS B 162 -11.70 -7.98 -20.59
CA LYS B 162 -12.92 -8.01 -21.41
C LYS B 162 -13.53 -9.41 -21.41
N GLN B 163 -12.72 -10.43 -21.68
CA GLN B 163 -13.19 -11.81 -21.69
C GLN B 163 -13.81 -12.13 -20.34
N LEU B 164 -13.19 -11.61 -19.30
CA LEU B 164 -13.57 -12.00 -17.95
C LEU B 164 -14.84 -11.34 -17.50
N THR B 165 -15.00 -10.06 -17.84
CA THR B 165 -16.19 -9.33 -17.39
C THR B 165 -17.47 -9.74 -18.16
N GLN B 166 -17.39 -10.00 -19.47
CA GLN B 166 -18.46 -10.70 -20.20
C GLN B 166 -18.76 -12.06 -19.56
N GLY B 167 -17.72 -12.87 -19.42
CA GLY B 167 -17.85 -14.12 -18.73
C GLY B 167 -18.66 -13.91 -17.48
N LEU B 168 -18.47 -12.78 -16.80
CA LEU B 168 -19.05 -12.62 -15.49
C LEU B 168 -20.52 -12.21 -15.55
N ALA B 169 -20.86 -11.35 -16.51
CA ALA B 169 -22.25 -11.01 -16.78
C ALA B 169 -23.03 -12.31 -16.95
N THR B 170 -22.52 -13.17 -17.83
CA THR B 170 -23.12 -14.47 -18.08
C THR B 170 -23.53 -15.11 -16.75
N LEU B 171 -22.62 -15.16 -15.79
CA LEU B 171 -22.90 -15.84 -14.53
C LEU B 171 -23.82 -15.02 -13.61
N HIS B 172 -24.25 -13.86 -14.07
CA HIS B 172 -25.08 -12.95 -13.26
C HIS B 172 -24.26 -12.37 -12.11
N CYS B 173 -23.03 -11.97 -12.45
CA CYS B 173 -22.13 -11.32 -11.52
C CYS B 173 -21.79 -9.93 -12.03
N GLN B 174 -21.41 -9.10 -11.07
CA GLN B 174 -20.98 -7.75 -11.37
C GLN B 174 -19.46 -7.62 -11.31
N ALA B 175 -19.00 -6.41 -11.58
CA ALA B 175 -17.59 -6.16 -11.67
C ALA B 175 -17.31 -4.71 -11.42
N ALA B 176 -16.17 -4.47 -10.78
CA ALA B 176 -15.74 -3.12 -10.50
C ALA B 176 -14.26 -2.92 -10.83
N ILE B 177 -13.94 -1.73 -11.33
CA ILE B 177 -12.57 -1.26 -11.33
C ILE B 177 -12.29 -0.40 -10.09
N SER B 178 -11.38 -0.85 -9.24
CA SER B 178 -10.82 -0.06 -8.14
C SER B 178 -9.56 0.72 -8.54
N GLN B 179 -9.08 1.61 -7.65
CA GLN B 179 -7.94 2.51 -7.95
C GLN B 179 -8.09 3.28 -9.26
N PHE B 180 -9.33 3.62 -9.59
CA PHE B 180 -9.63 4.30 -10.83
C PHE B 180 -9.21 5.77 -10.88
N GLY B 181 -8.67 6.14 -12.05
CA GLY B 181 -8.43 7.52 -12.40
C GLY B 181 -7.00 8.02 -12.43
N CYS B 182 -6.08 7.13 -12.10
CA CYS B 182 -4.65 7.43 -12.11
C CYS B 182 -3.99 7.28 -13.50
N SER B 183 -4.49 6.33 -14.28
CA SER B 183 -3.82 5.94 -15.51
C SER B 183 -3.95 7.07 -16.54
N LEU B 184 -3.28 6.93 -17.67
CA LEU B 184 -3.52 7.85 -18.78
C LEU B 184 -4.86 7.49 -19.32
N ASN B 185 -5.69 8.50 -19.59
CA ASN B 185 -7.03 8.29 -20.18
C ASN B 185 -7.78 7.08 -19.60
N PRO B 186 -8.25 7.17 -18.34
CA PRO B 186 -8.86 6.03 -17.63
C PRO B 186 -10.27 5.66 -18.13
N PHE B 187 -10.96 6.61 -18.73
CA PHE B 187 -12.27 6.27 -19.28
C PHE B 187 -12.17 5.35 -20.48
N ASN B 188 -11.00 5.33 -21.15
CA ASN B 188 -10.84 4.46 -22.33
C ASN B 188 -11.04 2.96 -22.00
N ALA B 189 -10.40 2.48 -20.97
CA ALA B 189 -10.49 1.06 -20.67
C ALA B 189 -11.92 0.58 -20.41
N LEU B 190 -12.82 1.52 -20.10
CA LEU B 190 -14.19 1.18 -19.74
C LEU B 190 -15.11 1.00 -20.96
N LYS B 191 -14.71 1.53 -22.11
CA LYS B 191 -15.45 1.28 -23.34
C LYS B 191 -15.46 -0.20 -23.64
N HIS B 192 -14.60 -0.95 -22.96
CA HIS B 192 -14.33 -2.31 -23.31
C HIS B 192 -14.72 -3.32 -22.24
N LEU B 193 -15.25 -2.84 -21.12
CA LEU B 193 -15.52 -3.74 -20.01
C LEU B 193 -16.96 -3.72 -19.58
N THR B 194 -17.34 -4.77 -18.88
CA THR B 194 -18.65 -4.80 -18.30
C THR B 194 -18.51 -4.69 -16.79
N VAL B 195 -18.60 -3.44 -16.34
CA VAL B 195 -18.45 -3.07 -14.94
C VAL B 195 -19.53 -2.05 -14.57
N GLN B 196 -20.15 -2.24 -13.42
CA GLN B 196 -21.14 -1.27 -12.95
C GLN B 196 -20.55 -0.24 -11.97
N PHE B 197 -19.55 -0.66 -11.21
CA PHE B 197 -18.92 0.23 -10.22
C PHE B 197 -17.52 0.66 -10.60
N ILE B 198 -17.17 1.86 -10.17
CA ILE B 198 -15.84 2.37 -10.32
C ILE B 198 -15.42 2.94 -8.99
N LYS B 199 -14.52 2.23 -8.29
CA LYS B 199 -13.99 2.71 -7.02
C LYS B 199 -12.78 3.61 -7.32
N ILE B 200 -12.96 4.89 -7.05
CA ILE B 200 -11.95 5.90 -7.26
C ILE B 200 -10.69 5.63 -6.40
N ASP B 201 -9.56 6.15 -6.85
CA ASP B 201 -8.31 5.96 -6.13
C ASP B 201 -8.16 6.92 -4.93
N GLY B 202 -7.55 6.38 -3.89
CA GLY B 202 -7.25 7.13 -2.68
C GLY B 202 -6.72 8.52 -2.98
N SER B 203 -5.89 8.63 -4.00
CA SER B 203 -5.22 9.89 -4.30
C SER B 203 -6.20 11.06 -4.49
N PHE B 204 -7.41 10.77 -4.96
CA PHE B 204 -8.43 11.82 -5.18
C PHE B 204 -9.14 12.27 -3.90
N VAL B 205 -8.91 11.55 -2.80
CA VAL B 205 -9.60 11.78 -1.54
C VAL B 205 -8.62 12.34 -0.51
N GLN B 206 -7.79 13.29 -0.91
CA GLN B 206 -6.79 13.88 -0.02
C GLN B 206 -6.89 15.35 -0.13
N ASP B 207 -6.68 16.03 0.99
CA ASP B 207 -6.66 17.48 1.00
C ASP B 207 -7.89 18.01 0.26
N LEU B 208 -9.03 17.35 0.49
CA LEU B 208 -10.29 17.75 -0.10
C LEU B 208 -10.75 19.13 0.39
N ASN B 209 -10.19 19.59 1.50
CA ASN B 209 -10.44 20.95 1.96
C ASN B 209 -9.97 21.98 0.95
N GLN B 210 -9.27 21.54 -0.09
CA GLN B 210 -8.85 22.42 -1.18
C GLN B 210 -9.81 22.32 -2.40
N VAL B 211 -10.13 23.46 -3.00
CA VAL B 211 -11.19 23.49 -4.02
C VAL B 211 -10.79 22.72 -5.26
N GLU B 212 -9.61 23.01 -5.78
CA GLU B 212 -9.12 22.31 -6.95
C GLU B 212 -9.23 20.79 -6.74
N ASN B 213 -9.00 20.32 -5.53
CA ASN B 213 -9.18 18.88 -5.26
C ASN B 213 -10.63 18.52 -5.13
N GLN B 214 -11.43 19.47 -4.69
CA GLN B 214 -12.87 19.28 -4.67
C GLN B 214 -13.35 19.18 -6.09
N GLU B 215 -12.92 20.13 -6.91
CA GLU B 215 -13.42 20.26 -8.25
C GLU B 215 -12.95 19.01 -9.00
N ILE B 216 -11.68 18.67 -8.84
CA ILE B 216 -11.14 17.51 -9.52
C ILE B 216 -11.99 16.29 -9.23
N LEU B 217 -12.37 16.11 -7.97
CA LEU B 217 -13.20 14.97 -7.61
C LEU B 217 -14.63 15.08 -8.15
N LYS B 218 -15.14 16.32 -8.25
CA LYS B 218 -16.49 16.52 -8.76
C LYS B 218 -16.59 16.06 -10.24
N GLY B 219 -15.64 16.54 -11.05
CA GLY B 219 -15.60 16.23 -12.48
C GLY B 219 -15.40 14.76 -12.76
N LEU B 220 -14.51 14.16 -12.01
CA LEU B 220 -14.26 12.74 -12.16
C LEU B 220 -15.55 12.00 -11.92
N ILE B 221 -16.22 12.35 -10.83
CA ILE B 221 -17.46 11.70 -10.48
C ILE B 221 -18.60 11.96 -11.48
N ALA B 222 -18.66 13.18 -12.02
CA ALA B 222 -19.70 13.54 -12.99
C ALA B 222 -19.57 12.68 -14.27
N GLU B 223 -18.36 12.62 -14.82
CA GLU B 223 -18.07 11.78 -15.99
C GLU B 223 -18.43 10.31 -15.79
N LEU B 224 -18.17 9.75 -14.62
CA LEU B 224 -18.57 8.35 -14.39
C LEU B 224 -20.09 8.19 -14.42
N HIS B 225 -20.78 9.27 -14.05
CA HIS B 225 -22.22 9.22 -13.98
C HIS B 225 -22.78 9.35 -15.40
N GLU B 226 -22.17 10.24 -16.18
CA GLU B 226 -22.43 10.36 -17.59
C GLU B 226 -22.18 9.05 -18.31
N GLN B 227 -21.44 8.15 -17.67
CA GLN B 227 -21.16 6.85 -18.28
C GLN B 227 -21.90 5.75 -17.54
N GLN B 228 -22.92 6.17 -16.77
CA GLN B 228 -23.79 5.24 -16.04
C GLN B 228 -23.04 4.23 -15.17
N LYS B 229 -21.92 4.68 -14.60
CA LYS B 229 -21.24 3.87 -13.60
C LYS B 229 -21.68 4.36 -12.24
N LEU B 230 -21.61 3.47 -11.27
CA LEU B 230 -21.79 3.81 -9.87
C LEU B 230 -20.45 4.05 -9.21
N SER B 231 -20.25 5.29 -8.76
CA SER B 231 -18.99 5.70 -8.15
C SER B 231 -18.90 5.22 -6.70
N ILE B 232 -17.72 4.74 -6.32
CA ILE B 232 -17.42 4.39 -4.93
C ILE B 232 -16.23 5.24 -4.46
N VAL B 233 -16.37 6.00 -3.39
CA VAL B 233 -15.25 6.78 -2.89
C VAL B 233 -14.76 6.25 -1.55
N PRO B 234 -13.51 5.73 -1.48
CA PRO B 234 -12.99 5.08 -0.26
C PRO B 234 -12.26 6.09 0.56
N PHE B 235 -11.66 5.65 1.66
CA PHE B 235 -10.89 6.55 2.55
C PHE B 235 -11.64 7.79 3.13
N VAL B 236 -12.89 7.61 3.54
CA VAL B 236 -13.57 8.70 4.25
C VAL B 236 -13.10 8.65 5.71
N GLU B 237 -12.31 9.61 6.13
CA GLU B 237 -11.67 9.43 7.45
C GLU B 237 -12.19 10.44 8.52
N SER B 238 -13.22 11.18 8.21
CA SER B 238 -13.72 12.25 9.07
C SER B 238 -15.09 12.57 8.55
N ALA B 239 -15.81 13.40 9.30
CA ALA B 239 -17.22 13.68 9.01
C ALA B 239 -17.33 14.67 7.88
N SER B 240 -16.39 15.62 7.86
CA SER B 240 -16.36 16.64 6.85
C SER B 240 -16.23 16.02 5.46
N VAL B 241 -15.14 15.31 5.19
CA VAL B 241 -14.91 14.80 3.84
C VAL B 241 -16.23 14.21 3.35
N LEU B 242 -16.91 13.54 4.28
CA LEU B 242 -18.12 12.79 3.99
C LEU B 242 -19.22 13.71 3.43
N ALA B 243 -19.29 14.93 3.92
CA ALA B 243 -20.13 15.94 3.34
C ALA B 243 -19.68 16.27 1.92
N THR B 244 -18.40 16.58 1.69
CA THR B 244 -18.00 17.00 0.34
C THR B 244 -18.36 15.94 -0.71
N LEU B 245 -18.31 14.68 -0.31
CA LEU B 245 -18.62 13.59 -1.21
C LEU B 245 -20.10 13.59 -1.54
N TRP B 246 -20.89 14.33 -0.75
CA TRP B 246 -22.32 14.39 -0.99
C TRP B 246 -22.57 15.28 -2.19
N GLN B 247 -22.05 16.50 -2.11
CA GLN B 247 -22.27 17.50 -3.13
C GLN B 247 -21.46 17.20 -4.38
N ALA B 248 -20.46 16.33 -4.22
CA ALA B 248 -19.66 15.91 -5.37
C ALA B 248 -20.41 14.88 -6.25
N GLY B 249 -21.37 14.15 -5.67
CA GLY B 249 -22.21 13.26 -6.44
C GLY B 249 -21.95 11.79 -6.17
N ALA B 250 -21.07 11.50 -5.23
CA ALA B 250 -20.63 10.14 -5.01
C ALA B 250 -21.83 9.25 -4.79
N THR B 251 -21.73 8.02 -5.25
CA THR B 251 -22.85 7.10 -5.13
C THR B 251 -22.66 6.27 -3.90
N TYR B 252 -21.43 5.87 -3.61
CA TYR B 252 -21.09 5.13 -2.39
C TYR B 252 -19.79 5.62 -1.77
N ILE B 253 -19.64 5.35 -0.48
CA ILE B 253 -18.45 5.72 0.23
C ILE B 253 -18.02 4.58 1.12
N GLN B 254 -16.76 4.62 1.55
CA GLN B 254 -16.23 3.59 2.45
C GLN B 254 -15.14 4.20 3.29
N GLY B 255 -14.96 3.63 4.48
CA GLY B 255 -13.94 4.09 5.41
C GLY B 255 -14.20 3.80 6.89
N TYR B 256 -13.23 4.21 7.70
CA TYR B 256 -13.22 3.87 9.12
C TYR B 256 -14.15 4.76 9.94
N TYR B 257 -14.19 6.05 9.61
CA TYR B 257 -15.25 6.94 10.07
C TYR B 257 -16.68 6.35 9.98
N LEU B 258 -16.94 5.45 9.03
CA LEU B 258 -18.23 4.78 8.99
C LEU B 258 -18.10 3.45 9.67
N GLN B 259 -17.13 2.67 9.23
CA GLN B 259 -16.86 1.39 9.85
C GLN B 259 -15.61 0.78 9.30
N GLY B 260 -14.87 0.13 10.17
CA GLY B 260 -13.64 -0.50 9.80
C GLY B 260 -13.94 -1.94 9.49
N PRO B 261 -12.96 -2.66 8.98
CA PRO B 261 -13.09 -4.07 8.61
C PRO B 261 -13.34 -4.97 9.81
N SER B 262 -14.49 -5.66 9.85
CA SER B 262 -14.78 -6.54 10.99
C SER B 262 -14.91 -7.98 10.55
N GLN B 263 -14.83 -8.89 11.50
CA GLN B 263 -14.98 -10.30 11.17
C GLN B 263 -16.43 -10.66 10.79
N ALA B 264 -17.37 -9.76 11.05
CA ALA B 264 -18.79 -10.06 10.81
C ALA B 264 -19.44 -8.99 9.92
N MET B 265 -20.36 -9.42 9.05
CA MET B 265 -21.22 -8.50 8.30
C MET B 265 -22.33 -8.13 9.26
N ASP B 266 -22.04 -7.17 10.15
CA ASP B 266 -22.94 -6.81 11.23
C ASP B 266 -23.24 -5.31 11.25
N TYR B 267 -23.08 -4.65 10.11
CA TYR B 267 -23.32 -3.21 10.06
C TYR B 267 -24.81 -2.90 9.98
N ASP B 268 -25.27 -1.89 10.71
CA ASP B 268 -26.64 -1.46 10.57
C ASP B 268 -26.70 -0.41 9.49
N PHE B 269 -27.26 -0.77 8.36
CA PHE B 269 -27.40 0.19 7.29
C PHE B 269 -28.65 1.03 7.57
N SER B 270 -28.61 2.26 7.71
#